data_1WQ2
#
_entry.id   1WQ2
#
_cell.length_a   60.500
_cell.length_b   65.100
_cell.length_c   46.500
_cell.angle_alpha   90.00
_cell.angle_beta   90.00
_cell.angle_gamma   90.00
#
_symmetry.space_group_name_H-M   'P 21 21 21'
#
loop_
_entity.id
_entity.type
_entity.pdbx_description
1 polymer 'Protein dsvD'
2 non-polymer 'SULFATE ION'
3 water water
#
_entity_poly.entity_id   1
_entity_poly.type   'polypeptide(L)'
_entity_poly.pdbx_seq_one_letter_code
;MEEAKQKVVDFLNSKSGSKSKFYFNDFTDLFPDMKQREVKKILTALVNDEVLEYWSSGSTTMYGLKGAGKQAAAEHED
;
_entity_poly.pdbx_strand_id   A,B
#
# COMPACT_ATOMS: atom_id res chain seq x y z
N MET A 1 10.52 -7.76 1.02
CA MET A 1 10.73 -6.89 2.22
C MET A 1 10.95 -7.71 3.50
N GLU A 2 11.04 -7.01 4.63
CA GLU A 2 11.24 -7.65 5.94
C GLU A 2 10.15 -8.67 6.28
N GLU A 3 10.54 -9.73 7.00
CA GLU A 3 9.61 -10.79 7.37
C GLU A 3 8.47 -10.41 8.31
N ALA A 4 8.76 -9.53 9.28
CA ALA A 4 7.77 -9.10 10.26
C ALA A 4 6.79 -8.13 9.63
N LYS A 5 7.26 -7.43 8.60
CA LYS A 5 6.43 -6.47 7.89
C LYS A 5 5.53 -7.24 6.93
N GLN A 6 6.06 -8.29 6.34
CA GLN A 6 5.28 -9.13 5.42
C GLN A 6 4.19 -9.85 6.19
N LYS A 7 4.47 -10.21 7.44
CA LYS A 7 3.48 -10.88 8.28
C LYS A 7 2.30 -9.94 8.49
N VAL A 8 2.60 -8.65 8.62
CA VAL A 8 1.57 -7.63 8.83
C VAL A 8 0.77 -7.38 7.56
N VAL A 9 1.44 -7.38 6.40
CA VAL A 9 0.77 -7.15 5.13
C VAL A 9 -0.19 -8.30 4.79
N ASP A 10 0.27 -9.53 5.00
CA ASP A 10 -0.53 -10.73 4.72
C ASP A 10 -1.75 -10.89 5.63
N PHE A 11 -1.61 -10.53 6.90
CA PHE A 11 -2.70 -10.60 7.87
C PHE A 11 -3.88 -9.72 7.43
N LEU A 12 -3.59 -8.50 7.00
CA LEU A 12 -4.61 -7.56 6.55
C LEU A 12 -5.09 -7.86 5.11
N ASN A 13 -4.18 -8.39 4.29
CA ASN A 13 -4.48 -8.76 2.91
C ASN A 13 -5.22 -10.10 2.97
N SER A 14 -6.53 -10.03 3.21
CA SER A 14 -7.35 -11.24 3.31
C SER A 14 -8.77 -11.01 2.79
N SER A 20 -12.77 -6.48 8.72
CA SER A 20 -12.59 -6.28 10.16
C SER A 20 -11.77 -5.02 10.48
N LYS A 21 -11.80 -4.59 11.74
CA LYS A 21 -11.06 -3.40 12.17
C LYS A 21 -9.95 -3.79 13.14
N PHE A 22 -8.70 -3.39 12.84
CA PHE A 22 -7.58 -3.73 13.72
C PHE A 22 -6.83 -2.55 14.32
N TYR A 23 -6.67 -2.60 15.64
CA TYR A 23 -6.00 -1.58 16.42
C TYR A 23 -4.56 -2.00 16.72
N PHE A 24 -3.79 -1.08 17.29
CA PHE A 24 -2.38 -1.31 17.61
C PHE A 24 -2.12 -2.56 18.48
N ASN A 25 -2.97 -2.78 19.48
CA ASN A 25 -2.80 -3.94 20.35
C ASN A 25 -3.13 -5.29 19.70
N ASP A 26 -3.87 -5.27 18.58
CA ASP A 26 -4.20 -6.51 17.87
C ASP A 26 -2.95 -6.98 17.14
N PHE A 27 -2.06 -6.04 16.86
CA PHE A 27 -0.80 -6.33 16.17
C PHE A 27 0.24 -6.80 17.19
N THR A 28 0.31 -6.14 18.34
CA THR A 28 1.25 -6.53 19.39
C THR A 28 0.93 -7.94 19.90
N ASP A 29 -0.29 -8.40 19.64
CA ASP A 29 -0.73 -9.76 20.02
C ASP A 29 -0.15 -10.77 19.05
N LEU A 30 0.04 -10.34 17.81
CA LEU A 30 0.57 -11.20 16.75
C LEU A 30 2.08 -11.35 16.84
N PHE A 31 2.71 -10.46 17.61
CA PHE A 31 4.15 -10.51 17.82
C PHE A 31 4.43 -10.62 19.32
N PRO A 32 4.30 -11.84 19.87
CA PRO A 32 4.54 -12.11 21.30
C PRO A 32 5.97 -11.88 21.77
N ASP A 33 6.93 -12.13 20.89
CA ASP A 33 8.33 -11.94 21.21
C ASP A 33 8.85 -10.55 20.88
N MET A 34 7.95 -9.58 20.74
CA MET A 34 8.34 -8.23 20.42
C MET A 34 7.90 -7.24 21.49
N LYS A 35 8.61 -6.12 21.59
CA LYS A 35 8.25 -5.09 22.55
C LYS A 35 7.21 -4.16 21.92
N GLN A 36 6.46 -3.46 22.76
CA GLN A 36 5.45 -2.52 22.28
C GLN A 36 6.14 -1.47 21.41
N ARG A 37 7.39 -1.18 21.76
CA ARG A 37 8.20 -0.21 21.05
C ARG A 37 8.58 -0.75 19.67
N GLU A 38 8.97 -2.02 19.64
CA GLU A 38 9.37 -2.68 18.40
C GLU A 38 8.26 -2.74 17.36
N VAL A 39 7.05 -3.10 17.79
CA VAL A 39 5.90 -3.23 16.91
C VAL A 39 5.45 -1.86 16.39
N LYS A 40 5.50 -0.82 17.22
CA LYS A 40 5.09 0.51 16.77
C LYS A 40 6.04 0.98 15.66
N LYS A 41 7.32 0.67 15.79
CA LYS A 41 8.32 1.03 14.79
C LYS A 41 8.09 0.31 13.46
N ILE A 42 7.72 -0.96 13.52
CA ILE A 42 7.46 -1.75 12.32
C ILE A 42 6.24 -1.19 11.57
N LEU A 43 5.16 -0.90 12.30
CA LEU A 43 3.95 -0.36 11.71
C LEU A 43 4.18 1.07 11.17
N THR A 44 4.97 1.88 11.87
CA THR A 44 5.27 3.24 11.44
C THR A 44 6.07 3.23 10.15
N ALA A 45 6.96 2.25 10.00
CA ALA A 45 7.80 2.14 8.80
C ALA A 45 6.95 1.80 7.58
N LEU A 46 5.84 1.10 7.81
CA LEU A 46 4.93 0.70 6.74
C LEU A 46 4.02 1.87 6.37
N VAL A 47 3.78 2.75 7.31
CA VAL A 47 2.95 3.92 7.07
C VAL A 47 3.78 4.93 6.28
N ASN A 48 5.07 5.00 6.60
CA ASN A 48 6.02 5.89 5.94
C ASN A 48 6.11 5.50 4.46
N ASP A 49 6.18 4.19 4.22
CA ASP A 49 6.31 3.63 2.87
C ASP A 49 4.98 3.60 2.14
N GLU A 50 3.92 3.91 2.86
CA GLU A 50 2.55 3.98 2.34
C GLU A 50 1.94 2.65 1.92
N VAL A 51 2.37 1.59 2.60
CA VAL A 51 1.83 0.26 2.40
C VAL A 51 0.58 0.26 3.29
N LEU A 52 0.70 0.89 4.46
CA LEU A 52 -0.39 1.02 5.42
C LEU A 52 -0.77 2.47 5.61
N GLU A 53 -1.92 2.69 6.24
CA GLU A 53 -2.40 4.03 6.57
C GLU A 53 -3.05 3.93 7.94
N TYR A 54 -2.70 4.83 8.85
CA TYR A 54 -3.25 4.76 10.19
C TYR A 54 -3.83 6.09 10.68
N TRP A 55 -4.60 6.01 11.76
CA TRP A 55 -5.21 7.19 12.36
C TRP A 55 -5.56 6.94 13.82
N SER A 56 -5.90 8.03 14.52
CA SER A 56 -6.28 7.97 15.93
C SER A 56 -7.74 7.54 16.02
N SER A 57 -8.00 6.46 16.76
CA SER A 57 -9.34 5.92 16.91
C SER A 57 -9.57 5.57 18.36
N GLY A 58 -10.41 6.35 19.02
CA GLY A 58 -10.69 6.12 20.43
C GLY A 58 -9.51 6.50 21.30
N SER A 59 -9.04 5.53 22.07
CA SER A 59 -7.92 5.74 22.98
C SER A 59 -6.67 5.03 22.47
N THR A 60 -6.63 4.74 21.18
CA THR A 60 -5.51 4.05 20.58
C THR A 60 -5.38 4.42 19.10
N THR A 61 -4.81 3.53 18.29
CA THR A 61 -4.63 3.79 16.87
C THR A 61 -5.09 2.59 16.06
N MET A 62 -5.60 2.86 14.87
CA MET A 62 -6.10 1.82 13.98
C MET A 62 -5.27 1.81 12.71
N TYR A 63 -4.97 0.62 12.20
CA TYR A 63 -4.17 0.50 10.98
C TYR A 63 -4.90 -0.28 9.89
N GLY A 64 -4.56 0.02 8.64
CA GLY A 64 -5.15 -0.66 7.51
C GLY A 64 -4.30 -0.50 6.26
N LEU A 65 -4.59 -1.31 5.24
CA LEU A 65 -3.87 -1.24 3.97
C LEU A 65 -4.21 0.09 3.31
N LYS A 66 -3.21 0.72 2.71
CA LYS A 66 -3.38 2.01 2.05
C LYS A 66 -4.66 2.08 1.21
N GLY A 67 -5.51 3.05 1.55
CA GLY A 67 -6.77 3.23 0.87
C GLY A 67 -7.94 2.65 1.63
N ALA A 68 -7.68 2.05 2.80
CA ALA A 68 -8.74 1.46 3.63
C ALA A 68 -9.80 2.47 4.04
N GLY A 69 -9.36 3.71 4.30
CA GLY A 69 -10.28 4.76 4.70
C GLY A 69 -11.14 5.15 3.52
N LYS A 70 -10.53 5.20 2.34
CA LYS A 70 -11.24 5.54 1.11
C LYS A 70 -11.92 4.32 0.51
N MET B 1 7.82 9.04 -0.66
CA MET B 1 8.46 8.54 -1.87
C MET B 1 8.68 9.68 -2.87
N GLU B 2 9.30 9.37 -4.01
CA GLU B 2 9.56 10.38 -5.03
C GLU B 2 8.25 10.88 -5.63
N GLU B 3 8.27 12.10 -6.15
CA GLU B 3 7.09 12.74 -6.74
C GLU B 3 6.28 11.91 -7.74
N ALA B 4 6.97 11.18 -8.62
CA ALA B 4 6.32 10.37 -9.64
C ALA B 4 5.49 9.23 -9.05
N LYS B 5 5.98 8.62 -7.98
CA LYS B 5 5.31 7.51 -7.30
C LYS B 5 4.18 7.97 -6.39
N GLN B 6 4.33 9.15 -5.82
CA GLN B 6 3.33 9.74 -4.94
C GLN B 6 2.13 10.18 -5.77
N LYS B 7 2.38 10.56 -7.02
CA LYS B 7 1.32 10.99 -7.94
C LYS B 7 0.38 9.82 -8.17
N VAL B 8 0.96 8.65 -8.42
CA VAL B 8 0.22 7.43 -8.64
C VAL B 8 -0.62 7.08 -7.41
N VAL B 9 -0.01 7.19 -6.22
CA VAL B 9 -0.70 6.86 -4.98
C VAL B 9 -1.87 7.77 -4.65
N ASP B 10 -1.72 9.07 -4.92
CA ASP B 10 -2.78 10.05 -4.65
C ASP B 10 -4.01 9.79 -5.51
N PHE B 11 -3.80 9.40 -6.77
CA PHE B 11 -4.89 9.14 -7.72
C PHE B 11 -5.74 7.93 -7.34
N LEU B 12 -5.09 6.86 -6.91
CA LEU B 12 -5.79 5.63 -6.54
C LEU B 12 -6.43 5.74 -5.17
N ASN B 13 -5.84 6.53 -4.28
CA ASN B 13 -6.39 6.71 -2.94
C ASN B 13 -7.48 7.78 -3.01
N SER B 14 -8.52 7.48 -3.78
CA SER B 14 -9.63 8.40 -3.97
C SER B 14 -10.95 7.66 -3.82
N LYS B 15 -12.04 8.41 -3.86
CA LYS B 15 -13.38 7.84 -3.73
C LYS B 15 -13.99 7.64 -5.12
N SER B 18 -13.67 6.16 -9.17
CA SER B 18 -12.41 5.51 -8.82
C SER B 18 -12.65 4.04 -8.41
N LYS B 19 -12.27 3.11 -9.28
CA LYS B 19 -12.44 1.67 -9.03
C LYS B 19 -11.17 1.02 -8.49
N SER B 20 -11.25 -0.28 -8.20
CA SER B 20 -10.10 -0.99 -7.66
C SER B 20 -8.83 -1.07 -8.52
N LYS B 21 -8.99 -1.35 -9.82
CA LYS B 21 -7.84 -1.49 -10.71
C LYS B 21 -8.00 -0.74 -12.03
N PHE B 22 -6.87 -0.27 -12.55
CA PHE B 22 -6.82 0.48 -13.78
C PHE B 22 -5.78 -0.13 -14.71
N TYR B 23 -5.90 0.15 -16.00
CA TYR B 23 -4.97 -0.34 -17.00
C TYR B 23 -3.66 0.44 -16.96
N PHE B 24 -2.58 -0.20 -17.39
CA PHE B 24 -1.26 0.44 -17.48
C PHE B 24 -1.38 1.75 -18.27
N ASN B 25 -2.25 1.75 -19.29
CA ASN B 25 -2.45 2.91 -20.14
C ASN B 25 -3.25 4.06 -19.47
N ASP B 26 -3.96 3.75 -18.39
CA ASP B 26 -4.70 4.77 -17.65
C ASP B 26 -3.69 5.64 -16.93
N PHE B 27 -2.54 5.06 -16.60
CA PHE B 27 -1.47 5.75 -15.92
C PHE B 27 -0.62 6.57 -16.89
N THR B 28 -0.33 6.02 -18.07
CA THR B 28 0.46 6.76 -19.05
C THR B 28 -0.36 7.97 -19.51
N ASP B 29 -1.69 7.84 -19.39
CA ASP B 29 -2.63 8.93 -19.71
C ASP B 29 -2.47 10.06 -18.70
N LEU B 30 -2.18 9.71 -17.45
CA LEU B 30 -2.01 10.67 -16.36
C LEU B 30 -0.65 11.34 -16.41
N PHE B 31 0.33 10.66 -16.99
CA PHE B 31 1.68 11.17 -17.08
C PHE B 31 2.06 11.29 -18.54
N PRO B 32 1.51 12.29 -19.24
CA PRO B 32 1.80 12.49 -20.66
C PRO B 32 3.26 12.88 -20.92
N ASP B 33 3.90 13.48 -19.92
CA ASP B 33 5.27 13.90 -20.04
C ASP B 33 6.23 12.71 -19.92
N MET B 34 5.91 11.77 -19.05
CA MET B 34 6.77 10.61 -18.84
C MET B 34 6.79 9.59 -19.99
N LYS B 35 7.91 8.87 -20.12
CA LYS B 35 8.06 7.85 -21.14
C LYS B 35 7.30 6.61 -20.69
N GLN B 36 6.81 5.82 -21.65
CA GLN B 36 6.06 4.61 -21.32
C GLN B 36 6.91 3.67 -20.48
N ARG B 37 8.21 3.60 -20.81
CA ARG B 37 9.17 2.78 -20.09
C ARG B 37 9.35 3.24 -18.65
N GLU B 38 9.36 4.55 -18.44
CA GLU B 38 9.52 5.12 -17.10
C GLU B 38 8.26 4.91 -16.27
N VAL B 39 7.09 4.92 -16.90
CA VAL B 39 5.84 4.71 -16.17
C VAL B 39 5.75 3.23 -15.77
N LYS B 40 6.21 2.33 -16.64
CA LYS B 40 6.19 0.90 -16.34
C LYS B 40 7.19 0.67 -15.20
N LYS B 41 8.29 1.41 -15.23
CA LYS B 41 9.32 1.31 -14.21
C LYS B 41 8.82 1.65 -12.81
N ILE B 42 8.14 2.77 -12.65
CA ILE B 42 7.66 3.19 -11.34
C ILE B 42 6.53 2.29 -10.82
N LEU B 43 5.66 1.84 -11.73
CA LEU B 43 4.55 0.96 -11.38
C LEU B 43 5.05 -0.41 -10.93
N THR B 44 6.12 -0.90 -11.56
CA THR B 44 6.70 -2.19 -11.21
C THR B 44 7.37 -2.06 -9.85
N ALA B 45 7.97 -0.90 -9.60
CA ALA B 45 8.63 -0.64 -8.32
C ALA B 45 7.59 -0.57 -7.20
N LEU B 46 6.46 0.07 -7.47
CA LEU B 46 5.40 0.18 -6.47
C LEU B 46 4.83 -1.20 -6.16
N VAL B 47 4.86 -2.08 -7.16
CA VAL B 47 4.39 -3.46 -6.99
C VAL B 47 5.41 -4.24 -6.17
N ASN B 48 6.70 -3.95 -6.37
CA ASN B 48 7.76 -4.61 -5.62
C ASN B 48 7.71 -4.23 -4.14
N ASP B 49 7.33 -3.00 -3.86
CA ASP B 49 7.26 -2.53 -2.47
C ASP B 49 5.91 -2.83 -1.84
N GLU B 50 5.06 -3.54 -2.59
CA GLU B 50 3.74 -3.98 -2.16
C GLU B 50 2.70 -2.89 -1.89
N VAL B 51 2.90 -1.74 -2.49
CA VAL B 51 1.97 -0.63 -2.40
C VAL B 51 0.83 -0.94 -3.35
N LEU B 52 1.17 -1.51 -4.51
CA LEU B 52 0.19 -1.87 -5.55
C LEU B 52 0.16 -3.38 -5.81
N GLU B 53 -0.99 -3.85 -6.28
CA GLU B 53 -1.18 -5.25 -6.65
C GLU B 53 -1.16 -5.27 -8.18
N TYR B 54 -0.57 -6.32 -8.75
CA TYR B 54 -0.43 -6.46 -10.21
C TYR B 54 -1.33 -7.55 -10.80
N TRP B 55 -1.99 -7.21 -11.92
CA TRP B 55 -2.89 -8.11 -12.63
C TRP B 55 -2.59 -8.19 -14.13
N SER B 56 -2.61 -9.40 -14.67
CA SER B 56 -2.41 -9.62 -16.10
C SER B 56 -3.83 -9.61 -16.66
N SER B 57 -4.13 -8.72 -17.61
CA SER B 57 -5.49 -8.67 -18.13
C SER B 57 -5.55 -8.57 -19.64
N GLY B 58 -6.06 -9.63 -20.28
CA GLY B 58 -6.15 -9.64 -21.73
C GLY B 58 -4.75 -9.60 -22.28
N SER B 59 -4.50 -8.66 -23.16
CA SER B 59 -3.18 -8.48 -23.75
C SER B 59 -2.33 -7.46 -22.98
N THR B 60 -2.87 -6.89 -21.90
CA THR B 60 -2.14 -5.89 -21.11
C THR B 60 -2.11 -6.18 -19.61
N THR B 61 -1.83 -5.16 -18.81
CA THR B 61 -1.74 -5.30 -17.36
C THR B 61 -2.64 -4.34 -16.57
N MET B 62 -2.92 -4.70 -15.32
CA MET B 62 -3.77 -3.92 -14.43
C MET B 62 -3.10 -3.67 -13.08
N TYR B 63 -3.31 -2.47 -12.52
CA TYR B 63 -2.73 -2.12 -11.23
C TYR B 63 -3.74 -1.47 -10.31
N GLY B 64 -3.60 -1.74 -9.01
CA GLY B 64 -4.49 -1.15 -8.04
C GLY B 64 -3.91 -1.22 -6.64
N LEU B 65 -4.42 -0.39 -5.74
CA LEU B 65 -3.95 -0.40 -4.35
C LEU B 65 -4.06 -1.80 -3.77
N LYS B 66 -2.99 -2.25 -3.12
CA LYS B 66 -2.93 -3.57 -2.49
C LYS B 66 -4.13 -3.72 -1.55
N GLY B 67 -4.93 -4.76 -1.77
CA GLY B 67 -6.10 -4.98 -0.95
C GLY B 67 -7.37 -4.59 -1.68
N ALA B 68 -7.25 -3.69 -2.64
CA ALA B 68 -8.38 -3.24 -3.46
C ALA B 68 -8.89 -4.39 -4.32
#